data_3C8C
#
_entry.id   3C8C
#
_cell.length_a   103.202
_cell.length_b   140.942
_cell.length_c   32.221
_cell.angle_alpha   90.00
_cell.angle_beta   90.00
_cell.angle_gamma   90.00
#
_symmetry.space_group_name_H-M   'P 21 21 2'
#
loop_
_entity.id
_entity.type
_entity.pdbx_description
1 polymer 'Methyl-accepting chemotaxis protein'
2 non-polymer 'MAGNESIUM ION'
3 non-polymer ALANINE
4 water water
#
_entity_poly.entity_id   1
_entity_poly.type   'polypeptide(L)'
_entity_poly.pdbx_seq_one_letter_code
;SLRS(MSE)VSDSVDEIVDGVSKTTAEVINGRKSIAQYATSLIENNPEPDNVRTIISQPLIKNTFLLVGFGLEKDGSNIN
NDPSWNPGPTWDPRVRPWYKDAKNAGKLVITAPYADSASGEILVSVATPVKDSATGQFLGSIFYDVSLAELAELVNEVKL
FDAGYVFIVSEDGTTIAHPKKEFNGKP(MSE)SEFLGESKINVDTHQVIINGKPYAVSFSDVEGEDWYVGVVIDEEIAYA
ALDELRRS
;
_entity_poly.pdbx_strand_id   A,B
#
loop_
_chem_comp.id
_chem_comp.type
_chem_comp.name
_chem_comp.formula
MG non-polymer 'MAGNESIUM ION' 'Mg 2'
#
# COMPACT_ATOMS: atom_id res chain seq x y z
N SER A 1 -10.60 -1.23 32.50
CA SER A 1 -10.99 0.04 33.21
C SER A 1 -10.80 1.22 32.28
N LEU A 2 -11.36 2.37 32.64
CA LEU A 2 -11.21 3.59 31.87
CA LEU A 2 -11.21 3.60 31.87
C LEU A 2 -9.73 4.01 31.76
N ARG A 3 -9.01 3.94 32.87
CA ARG A 3 -7.58 4.23 32.90
C ARG A 3 -6.79 3.33 31.93
N SER A 4 -7.01 2.01 32.07
CA SER A 4 -6.36 1.03 31.21
CA SER A 4 -6.38 1.01 31.20
C SER A 4 -6.70 1.24 29.73
N MSE A 5 -7.97 1.56 29.45
CA MSE A 5 -8.44 1.82 28.09
C MSE A 5 -7.71 2.97 27.42
O MSE A 5 -7.31 2.86 26.28
CB MSE A 5 -9.93 2.12 28.10
CG MSE A 5 -10.81 0.92 28.01
SE MSE A 5 -12.66 1.45 28.19
CE MSE A 5 -12.88 2.46 26.53
N VAL A 6 -7.55 4.07 28.16
CA VAL A 6 -6.91 5.28 27.64
C VAL A 6 -5.43 5.05 27.40
N SER A 7 -4.75 4.45 28.39
CA SER A 7 -3.34 4.10 28.25
C SER A 7 -3.09 3.13 27.09
N ASP A 8 -3.96 2.12 26.96
CA ASP A 8 -3.84 1.16 25.86
C ASP A 8 -4.08 1.81 24.51
N SER A 9 -4.99 2.78 24.46
CA SER A 9 -5.33 3.47 23.20
CA SER A 9 -5.33 3.48 23.20
C SER A 9 -4.13 4.26 22.66
N VAL A 10 -3.44 4.97 23.56
CA VAL A 10 -2.25 5.75 23.21
C VAL A 10 -1.18 4.87 22.55
N ASP A 11 -0.91 3.73 23.18
CA ASP A 11 0.01 2.70 22.69
C ASP A 11 -0.40 2.15 21.35
N GLU A 12 -1.70 1.88 21.20
CA GLU A 12 -2.23 1.28 19.97
CA GLU A 12 -2.27 1.30 19.98
C GLU A 12 -2.20 2.27 18.80
N ILE A 13 -2.42 3.56 19.07
CA ILE A 13 -2.35 4.59 18.02
C ILE A 13 -0.97 4.59 17.35
N VAL A 14 0.08 4.74 18.16
CA VAL A 14 1.44 4.82 17.61
CA VAL A 14 1.43 4.81 17.60
C VAL A 14 1.91 3.48 17.01
N ASP A 15 1.48 2.36 17.59
CA ASP A 15 1.89 1.05 17.12
CA ASP A 15 1.88 1.04 17.13
C ASP A 15 1.28 0.75 15.75
N GLY A 16 -0.03 0.99 15.66
CA GLY A 16 -0.78 0.75 14.45
C GLY A 16 -0.37 1.68 13.32
N VAL A 17 -0.22 2.97 13.63
CA VAL A 17 0.19 3.95 12.62
C VAL A 17 1.65 3.75 12.18
N SER A 18 2.52 3.28 13.07
CA SER A 18 3.90 2.99 12.65
C SER A 18 3.95 1.80 11.68
N LYS A 19 3.04 0.84 11.86
CA LYS A 19 2.92 -0.28 10.93
C LYS A 19 2.39 0.13 9.57
N THR A 20 1.31 0.91 9.54
CA THR A 20 0.76 1.38 8.25
CA THR A 20 0.77 1.37 8.24
C THR A 20 1.74 2.30 7.51
N THR A 21 2.46 3.14 8.28
CA THR A 21 3.44 4.07 7.71
C THR A 21 4.57 3.28 7.06
N ALA A 22 5.01 2.21 7.73
CA ALA A 22 6.06 1.35 7.18
C ALA A 22 5.60 0.77 5.84
N GLU A 23 4.37 0.26 5.79
CA GLU A 23 3.80 -0.31 4.55
CA GLU A 23 3.82 -0.32 4.55
CA GLU A 23 3.85 -0.32 4.54
C GLU A 23 3.79 0.71 3.41
N VAL A 24 3.29 1.90 3.70
CA VAL A 24 3.17 2.96 2.69
C VAL A 24 4.55 3.36 2.16
N ILE A 25 5.45 3.69 3.09
CA ILE A 25 6.79 4.10 2.68
C ILE A 25 7.54 2.99 1.92
N ASN A 26 7.42 1.75 2.39
CA ASN A 26 8.06 0.62 1.71
C ASN A 26 7.52 0.45 0.29
N GLY A 27 6.22 0.66 0.12
CA GLY A 27 5.63 0.55 -1.21
C GLY A 27 6.24 1.60 -2.13
N ARG A 28 6.43 2.82 -1.63
CA ARG A 28 6.91 3.90 -2.46
C ARG A 28 8.39 3.69 -2.77
N LYS A 29 9.17 3.22 -1.78
CA LYS A 29 10.57 2.85 -2.01
C LYS A 29 10.70 1.78 -3.10
N SER A 30 9.82 0.78 -3.04
CA SER A 30 9.85 -0.31 -4.02
CA SER A 30 9.84 -0.32 -4.02
C SER A 30 9.58 0.16 -5.45
N ILE A 31 8.67 1.14 -5.60
CA ILE A 31 8.41 1.75 -6.92
C ILE A 31 9.64 2.54 -7.39
N ALA A 32 10.26 3.28 -6.48
CA ALA A 32 11.48 4.04 -6.83
C ALA A 32 12.60 3.11 -7.25
N GLN A 33 12.76 2.00 -6.53
CA GLN A 33 13.80 1.04 -6.87
C GLN A 33 13.56 0.43 -8.24
N TYR A 34 12.29 0.08 -8.52
CA TYR A 34 11.96 -0.50 -9.81
C TYR A 34 12.32 0.45 -10.93
N ALA A 35 11.86 1.71 -10.84
CA ALA A 35 12.20 2.70 -11.88
C ALA A 35 13.71 2.87 -12.04
N THR A 36 14.43 2.92 -10.91
CA THR A 36 15.89 3.01 -10.93
C THR A 36 16.54 1.85 -11.68
N SER A 37 16.10 0.62 -11.38
CA SER A 37 16.65 -0.55 -12.05
C SER A 37 16.37 -0.52 -13.55
N LEU A 38 15.19 -0.01 -13.95
CA LEU A 38 14.92 0.07 -15.39
C LEU A 38 15.78 1.13 -16.06
N ILE A 39 16.03 2.24 -15.35
CA ILE A 39 16.94 3.29 -15.84
C ILE A 39 18.37 2.76 -15.96
N GLU A 40 18.82 2.00 -14.98
CA GLU A 40 20.16 1.40 -15.04
C GLU A 40 20.31 0.47 -16.23
N ASN A 41 19.22 -0.19 -16.58
CA ASN A 41 19.25 -1.07 -17.73
C ASN A 41 19.48 -0.31 -19.03
N ASN A 42 18.92 0.90 -19.13
CA ASN A 42 19.06 1.74 -20.32
C ASN A 42 18.84 3.22 -19.99
N PRO A 43 19.94 3.90 -19.63
CA PRO A 43 19.85 5.31 -19.23
C PRO A 43 19.81 6.34 -20.36
N GLU A 44 19.55 5.91 -21.59
CA GLU A 44 19.32 6.89 -22.67
C GLU A 44 18.17 7.79 -22.29
N PRO A 45 18.36 9.13 -22.43
CA PRO A 45 17.41 10.16 -22.01
C PRO A 45 15.91 9.93 -22.33
N ASP A 46 15.59 9.55 -23.57
CA ASP A 46 14.19 9.33 -23.93
C ASP A 46 13.58 8.13 -23.19
N ASN A 47 14.39 7.09 -22.98
CA ASN A 47 13.95 5.95 -22.17
C ASN A 47 13.72 6.37 -20.72
N VAL A 48 14.64 7.17 -20.19
CA VAL A 48 14.49 7.64 -18.82
C VAL A 48 13.17 8.42 -18.65
N ARG A 49 12.90 9.35 -19.59
CA ARG A 49 11.67 10.14 -19.57
CA ARG A 49 11.67 10.14 -19.56
C ARG A 49 10.44 9.24 -19.59
N THR A 50 10.46 8.22 -20.45
CA THR A 50 9.37 7.26 -20.54
C THR A 50 9.11 6.57 -19.19
N ILE A 51 10.20 6.12 -18.57
CA ILE A 51 10.12 5.44 -17.28
C ILE A 51 9.56 6.36 -16.17
N ILE A 52 10.04 7.59 -16.09
CA ILE A 52 9.65 8.43 -14.95
C ILE A 52 8.39 9.30 -15.16
N SER A 53 7.86 9.32 -16.39
CA SER A 53 6.74 10.22 -16.72
C SER A 53 5.38 9.52 -16.77
N GLN A 54 5.37 8.23 -16.44
CA GLN A 54 4.11 7.48 -16.38
C GLN A 54 3.32 7.87 -15.15
N PRO A 55 1.99 7.85 -15.23
CA PRO A 55 1.17 8.22 -14.11
C PRO A 55 1.51 7.57 -12.76
N LEU A 56 1.93 6.29 -12.74
CA LEU A 56 2.30 5.66 -11.48
C LEU A 56 3.39 6.48 -10.76
N ILE A 57 4.39 6.90 -11.52
CA ILE A 57 5.51 7.66 -10.95
C ILE A 57 5.08 9.11 -10.62
N LYS A 58 4.30 9.72 -11.51
CA LYS A 58 3.85 11.10 -11.33
C LYS A 58 2.84 11.23 -10.16
N ASN A 59 2.08 10.17 -9.90
CA ASN A 59 1.12 10.22 -8.79
C ASN A 59 1.70 9.79 -7.45
N THR A 60 2.81 9.06 -7.48
CA THR A 60 3.39 8.54 -6.25
C THR A 60 4.32 9.55 -5.61
N PHE A 61 4.96 10.36 -6.45
CA PHE A 61 5.95 11.35 -5.99
C PHE A 61 5.63 12.74 -6.54
N LEU A 62 6.14 13.77 -5.85
CA LEU A 62 5.94 15.16 -6.30
C LEU A 62 6.66 15.49 -7.58
N LEU A 63 7.86 14.90 -7.74
CA LEU A 63 8.76 15.22 -8.82
C LEU A 63 9.83 14.13 -8.80
N VAL A 64 10.30 13.76 -9.98
CA VAL A 64 11.37 12.77 -10.13
C VAL A 64 12.41 13.35 -11.08
N GLY A 65 13.69 13.23 -10.73
CA GLY A 65 14.74 13.67 -11.63
C GLY A 65 16.04 12.88 -11.47
N PHE A 66 16.71 12.67 -12.58
CA PHE A 66 17.97 11.95 -12.66
C PHE A 66 19.05 12.97 -12.99
N GLY A 67 19.96 13.19 -12.05
CA GLY A 67 21.11 14.07 -12.25
C GLY A 67 22.34 13.31 -12.65
N LEU A 68 23.04 13.80 -13.66
CA LEU A 68 24.19 13.08 -14.19
CA LEU A 68 24.21 13.09 -14.22
C LEU A 68 25.52 13.58 -13.63
N GLU A 69 26.38 12.62 -13.28
CA GLU A 69 27.71 12.91 -12.72
C GLU A 69 28.64 13.61 -13.72
N LYS A 70 28.55 13.22 -15.00
CA LYS A 70 29.46 13.73 -16.03
C LYS A 70 29.39 15.26 -16.18
N ASP A 71 28.19 15.82 -16.17
CA ASP A 71 28.05 17.23 -16.53
C ASP A 71 27.05 17.98 -15.68
N GLY A 72 26.40 17.28 -14.75
CA GLY A 72 25.35 17.92 -13.96
C GLY A 72 24.10 18.28 -14.71
N SER A 73 23.85 17.61 -15.84
CA SER A 73 22.58 17.71 -16.52
C SER A 73 21.54 16.91 -15.77
N ASN A 74 20.28 17.08 -16.14
CA ASN A 74 19.21 16.30 -15.55
C ASN A 74 18.08 15.98 -16.52
N ILE A 75 17.41 14.87 -16.22
CA ILE A 75 16.20 14.43 -16.92
C ILE A 75 15.15 14.33 -15.81
N ASN A 76 14.04 15.05 -15.94
CA ASN A 76 13.01 15.07 -14.91
C ASN A 76 11.61 14.89 -15.52
N ASN A 77 10.60 14.74 -14.67
CA ASN A 77 9.26 14.40 -15.16
C ASN A 77 8.23 15.54 -15.05
N ASP A 78 8.71 16.77 -14.88
CA ASP A 78 7.83 17.95 -14.83
C ASP A 78 8.31 19.00 -15.85
N PRO A 79 7.67 19.05 -17.03
CA PRO A 79 8.06 20.04 -18.05
C PRO A 79 7.81 21.50 -17.62
N SER A 80 6.99 21.70 -16.59
CA SER A 80 6.81 23.04 -15.98
C SER A 80 7.92 23.38 -14.96
N TRP A 81 8.81 22.43 -14.71
CA TRP A 81 9.90 22.60 -13.74
C TRP A 81 11.17 23.06 -14.43
N ASN A 82 11.69 24.20 -13.98
CA ASN A 82 12.92 24.79 -14.49
C ASN A 82 13.73 25.25 -13.29
N PRO A 83 14.89 24.62 -13.02
CA PRO A 83 15.63 24.90 -11.78
C PRO A 83 16.54 26.14 -11.85
N GLY A 84 16.60 26.79 -13.01
CA GLY A 84 17.50 27.91 -13.18
C GLY A 84 18.75 27.47 -13.91
N PRO A 85 19.61 28.43 -14.28
CA PRO A 85 20.72 28.12 -15.17
C PRO A 85 21.92 27.46 -14.49
N THR A 86 22.13 27.76 -13.22
CA THR A 86 23.33 27.31 -12.53
C THR A 86 23.12 26.13 -11.58
N TRP A 87 21.85 25.71 -11.40
CA TRP A 87 21.51 24.57 -10.53
C TRP A 87 22.31 23.38 -11.00
N ASP A 88 22.97 22.76 -10.03
CA ASP A 88 23.80 21.60 -10.27
C ASP A 88 23.31 20.49 -9.32
N PRO A 89 22.76 19.39 -9.89
CA PRO A 89 22.25 18.33 -9.03
C PRO A 89 23.32 17.71 -8.13
N ARG A 90 24.58 17.78 -8.58
CA ARG A 90 25.67 17.04 -7.90
C ARG A 90 26.00 17.60 -6.52
N VAL A 91 25.51 18.80 -6.24
CA VAL A 91 25.74 19.45 -4.94
C VAL A 91 24.52 19.32 -3.99
N ARG A 92 23.44 18.66 -4.44
CA ARG A 92 22.19 18.56 -3.68
C ARG A 92 22.19 17.39 -2.69
N PRO A 93 21.42 17.53 -1.59
CA PRO A 93 21.49 16.49 -0.56
C PRO A 93 21.02 15.11 -1.03
N TRP A 94 20.01 15.03 -1.89
CA TRP A 94 19.55 13.72 -2.38
C TRP A 94 20.66 13.07 -3.19
N TYR A 95 21.41 13.87 -3.96
CA TYR A 95 22.42 13.32 -4.83
C TYR A 95 23.57 12.75 -4.02
N LYS A 96 24.06 13.59 -3.11
CA LYS A 96 25.17 13.18 -2.26
C LYS A 96 24.78 12.03 -1.35
N ASP A 97 23.55 12.03 -0.83
CA ASP A 97 23.14 10.92 0.04
C ASP A 97 23.15 9.61 -0.72
N ALA A 98 22.66 9.62 -1.97
CA ALA A 98 22.63 8.36 -2.73
C ALA A 98 24.04 7.92 -3.12
N LYS A 99 24.89 8.88 -3.46
CA LYS A 99 26.25 8.55 -3.89
C LYS A 99 27.04 7.97 -2.71
N ASN A 100 26.90 8.61 -1.54
CA ASN A 100 27.57 8.13 -0.32
C ASN A 100 27.12 6.74 0.09
N ALA A 101 25.82 6.52 0.03
CA ALA A 101 25.25 5.28 0.54
C ALA A 101 25.44 4.11 -0.42
N GLY A 102 25.45 4.39 -1.72
CA GLY A 102 25.55 3.39 -2.79
C GLY A 102 24.34 2.49 -2.85
N LYS A 103 23.21 2.99 -2.35
CA LYS A 103 21.97 2.23 -2.26
C LYS A 103 20.81 3.21 -2.06
N LEU A 104 19.59 2.71 -2.15
CA LEU A 104 18.41 3.52 -1.90
C LEU A 104 18.39 4.03 -0.48
N VAL A 105 18.20 5.35 -0.35
CA VAL A 105 18.01 5.99 0.96
C VAL A 105 16.84 6.98 0.92
N ILE A 106 16.40 7.44 2.10
CA ILE A 106 15.52 8.60 2.19
C ILE A 106 16.30 9.71 2.90
N THR A 107 16.28 10.90 2.31
CA THR A 107 17.03 12.02 2.88
C THR A 107 16.43 12.50 4.20
N ALA A 108 17.26 13.22 4.96
CA ALA A 108 16.74 14.07 6.02
C ALA A 108 15.95 15.22 5.33
N PRO A 109 15.10 15.94 6.08
CA PRO A 109 14.39 17.07 5.47
C PRO A 109 15.32 18.14 4.89
N TYR A 110 14.94 18.73 3.77
CA TYR A 110 15.72 19.81 3.17
C TYR A 110 14.75 20.70 2.37
N ALA A 111 15.24 21.86 1.96
CA ALA A 111 14.40 22.79 1.23
C ALA A 111 14.49 22.55 -0.28
N ASP A 112 13.34 22.32 -0.91
CA ASP A 112 13.31 22.16 -2.37
C ASP A 112 13.89 23.37 -3.07
N SER A 113 14.71 23.14 -4.09
CA SER A 113 15.43 24.21 -4.82
CA SER A 113 15.43 24.23 -4.77
C SER A 113 14.52 25.26 -5.45
N ALA A 114 13.37 24.80 -5.96
CA ALA A 114 12.42 25.69 -6.66
C ALA A 114 11.39 26.33 -5.72
N SER A 115 10.72 25.51 -4.90
CA SER A 115 9.60 25.99 -4.09
C SER A 115 9.99 26.40 -2.67
N GLY A 116 11.14 25.96 -2.20
CA GLY A 116 11.56 26.19 -0.83
C GLY A 116 10.86 25.35 0.23
N GLU A 117 9.89 24.54 -0.18
CA GLU A 117 9.13 23.72 0.74
C GLU A 117 10.06 22.67 1.31
N ILE A 118 9.87 22.39 2.60
CA ILE A 118 10.65 21.35 3.25
C ILE A 118 10.06 20.01 2.83
N LEU A 119 10.93 19.12 2.34
CA LEU A 119 10.49 17.80 1.92
C LEU A 119 11.59 16.79 2.23
N VAL A 120 11.29 15.51 1.99
CA VAL A 120 12.38 14.49 1.90
C VAL A 120 12.31 13.90 0.50
N SER A 121 13.37 13.18 0.13
CA SER A 121 13.39 12.47 -1.15
C SER A 121 13.84 11.05 -0.94
N VAL A 122 13.20 10.13 -1.67
CA VAL A 122 13.82 8.84 -1.89
C VAL A 122 14.93 9.08 -2.92
N ALA A 123 16.13 8.56 -2.65
CA ALA A 123 17.23 8.84 -3.53
C ALA A 123 18.03 7.56 -3.80
N THR A 124 18.38 7.36 -5.07
CA THR A 124 19.06 6.14 -5.50
C THR A 124 20.25 6.46 -6.41
N PRO A 125 21.37 5.72 -6.26
CA PRO A 125 22.45 5.86 -7.25
C PRO A 125 22.13 5.08 -8.52
N VAL A 126 22.76 5.48 -9.62
CA VAL A 126 22.64 4.81 -10.92
C VAL A 126 24.05 4.39 -11.36
N LYS A 127 24.25 3.09 -11.56
CA LYS A 127 25.52 2.58 -12.03
C LYS A 127 25.50 2.21 -13.51
N ASP A 128 26.63 2.37 -14.19
CA ASP A 128 26.80 1.83 -15.53
C ASP A 128 26.76 0.30 -15.45
N SER A 129 25.92 -0.32 -16.28
CA SER A 129 25.73 -1.78 -16.26
CA SER A 129 25.73 -1.77 -16.24
C SER A 129 26.99 -2.56 -16.61
N ALA A 130 27.77 -2.03 -17.54
CA ALA A 130 28.98 -2.68 -18.03
C ALA A 130 30.19 -2.46 -17.12
N THR A 131 30.34 -1.25 -16.61
CA THR A 131 31.57 -0.88 -15.90
C THR A 131 31.42 -0.77 -14.37
N GLY A 132 30.19 -0.62 -13.88
CA GLY A 132 29.93 -0.42 -12.44
C GLY A 132 30.07 1.02 -11.98
N GLN A 133 30.54 1.87 -12.90
CA GLN A 133 30.80 3.30 -12.69
CA GLN A 133 30.82 3.25 -12.55
C GLN A 133 29.56 4.05 -12.25
N PHE A 134 29.71 4.91 -11.26
CA PHE A 134 28.64 5.82 -10.84
C PHE A 134 28.27 6.82 -11.94
N LEU A 135 27.01 6.78 -12.40
CA LEU A 135 26.56 7.67 -13.46
C LEU A 135 25.82 8.89 -12.96
N GLY A 136 25.31 8.79 -11.73
CA GLY A 136 24.51 9.89 -11.18
C GLY A 136 23.53 9.35 -10.16
N SER A 137 22.59 10.22 -9.76
CA SER A 137 21.61 9.86 -8.75
CA SER A 137 21.62 9.88 -8.75
C SER A 137 20.24 10.29 -9.21
N ILE A 138 19.23 9.58 -8.72
CA ILE A 138 17.82 9.94 -8.99
C ILE A 138 17.12 10.29 -7.68
N PHE A 139 16.31 11.37 -7.69
CA PHE A 139 15.46 11.70 -6.56
C PHE A 139 13.99 11.49 -6.88
N TYR A 140 13.26 11.11 -5.84
CA TYR A 140 11.82 10.89 -5.92
C TYR A 140 11.23 11.65 -4.72
N ASP A 141 10.66 12.82 -4.98
CA ASP A 141 10.28 13.74 -3.90
C ASP A 141 9.00 13.32 -3.21
N VAL A 142 9.00 13.45 -1.89
CA VAL A 142 7.90 13.04 -1.02
C VAL A 142 7.33 14.25 -0.29
N SER A 143 6.01 14.44 -0.39
CA SER A 143 5.33 15.53 0.33
C SER A 143 5.16 15.23 1.83
N LEU A 144 5.73 16.09 2.66
CA LEU A 144 5.61 15.94 4.11
C LEU A 144 4.19 16.33 4.59
N ALA A 145 3.58 17.28 3.89
CA ALA A 145 2.17 17.67 4.16
C ALA A 145 1.27 16.46 3.97
N GLU A 146 1.47 15.74 2.87
CA GLU A 146 0.72 14.52 2.57
C GLU A 146 0.97 13.41 3.60
N LEU A 147 2.24 13.20 3.98
CA LEU A 147 2.55 12.25 5.04
C LEU A 147 1.85 12.59 6.37
N ALA A 148 1.81 13.88 6.72
CA ALA A 148 1.18 14.29 7.97
C ALA A 148 -0.31 14.00 7.94
N GLU A 149 -0.93 14.27 6.79
CA GLU A 149 -2.35 13.98 6.57
C GLU A 149 -2.61 12.48 6.68
N LEU A 150 -1.74 11.68 6.08
CA LEU A 150 -1.84 10.22 6.11
C LEU A 150 -1.82 9.61 7.52
N VAL A 151 -0.85 10.01 8.35
CA VAL A 151 -0.71 9.45 9.68
C VAL A 151 -1.80 9.96 10.64
N ASN A 152 -2.49 11.02 10.24
CA ASN A 152 -3.58 11.55 11.05
C ASN A 152 -4.98 11.08 10.65
N GLU A 153 -5.06 10.07 9.77
CA GLU A 153 -6.36 9.53 9.36
CA GLU A 153 -6.35 9.53 9.35
C GLU A 153 -6.99 8.70 10.47
N VAL A 154 -6.16 8.22 11.39
CA VAL A 154 -6.57 7.46 12.58
C VAL A 154 -7.55 8.25 13.47
N LYS A 155 -8.48 7.53 14.07
CA LYS A 155 -9.51 8.11 14.93
C LYS A 155 -8.92 8.55 16.29
N LEU A 156 -9.00 9.86 16.55
CA LEU A 156 -8.40 10.42 17.76
C LEU A 156 -9.40 11.19 18.60
N PHE A 157 -10.66 11.19 18.17
CA PHE A 157 -11.78 11.96 18.76
C PHE A 157 -11.40 13.34 19.31
N ASP A 158 -10.70 14.11 18.47
CA ASP A 158 -10.27 15.49 18.74
C ASP A 158 -9.40 15.67 20.00
N ALA A 159 -8.77 14.57 20.43
CA ALA A 159 -7.96 14.58 21.65
C ALA A 159 -6.49 14.91 21.36
N GLY A 160 -6.10 14.85 20.09
CA GLY A 160 -4.70 15.09 19.76
C GLY A 160 -4.34 14.92 18.30
N TYR A 161 -3.07 14.60 18.07
CA TYR A 161 -2.55 14.43 16.71
C TYR A 161 -1.32 13.52 16.68
N VAL A 162 -1.03 13.06 15.48
CA VAL A 162 0.07 12.17 15.21
C VAL A 162 1.13 12.92 14.37
N PHE A 163 2.39 12.55 14.56
CA PHE A 163 3.48 13.16 13.84
C PHE A 163 4.62 12.16 13.61
N ILE A 164 5.60 12.54 12.79
CA ILE A 164 6.76 11.67 12.54
C ILE A 164 8.03 12.44 12.84
N VAL A 165 8.96 11.77 13.53
CA VAL A 165 10.27 12.34 13.82
C VAL A 165 11.34 11.32 13.45
N SER A 166 12.56 11.79 13.19
CA SER A 166 13.71 10.87 13.08
C SER A 166 14.37 10.66 14.45
N GLU A 167 15.32 9.73 14.50
CA GLU A 167 16.08 9.37 15.70
C GLU A 167 16.60 10.55 16.54
N ASP A 168 17.14 11.56 15.87
CA ASP A 168 17.76 12.70 16.55
C ASP A 168 16.74 13.78 16.97
N GLY A 169 15.46 13.49 16.76
CA GLY A 169 14.41 14.41 17.18
C GLY A 169 14.01 15.42 16.13
N THR A 170 14.56 15.30 14.92
CA THR A 170 14.17 16.17 13.81
C THR A 170 12.77 15.83 13.34
N THR A 171 11.93 16.83 13.16
CA THR A 171 10.58 16.60 12.71
C THR A 171 10.57 16.25 11.23
N ILE A 172 9.98 15.10 10.91
CA ILE A 172 9.76 14.66 9.53
C ILE A 172 8.42 15.16 9.01
N ALA A 173 7.35 14.95 9.78
CA ALA A 173 6.04 15.42 9.37
C ALA A 173 5.17 15.78 10.57
N HIS A 174 4.65 17.00 10.56
CA HIS A 174 3.76 17.50 11.58
C HIS A 174 2.54 18.10 10.87
N PRO A 175 1.34 17.98 11.45
CA PRO A 175 0.17 18.65 10.85
C PRO A 175 0.37 20.14 10.49
N LYS A 176 1.17 20.85 11.30
CA LYS A 176 1.56 22.21 11.03
C LYS A 176 2.95 22.20 10.39
N LYS A 177 2.98 22.45 9.09
CA LYS A 177 4.21 22.27 8.30
C LYS A 177 5.39 23.14 8.75
N GLU A 178 5.13 24.19 9.53
CA GLU A 178 6.20 25.07 10.04
C GLU A 178 7.21 24.30 10.92
N PHE A 179 6.77 23.18 11.48
CA PHE A 179 7.66 22.38 12.29
C PHE A 179 8.50 21.39 11.49
N ASN A 180 8.15 21.14 10.22
CA ASN A 180 8.89 20.16 9.39
C ASN A 180 10.36 20.54 9.26
N GLY A 181 11.26 19.61 9.60
CA GLY A 181 12.69 19.84 9.54
C GLY A 181 13.29 20.53 10.76
N LYS A 182 12.42 20.92 11.70
CA LYS A 182 12.82 21.62 12.94
CA LYS A 182 12.86 21.60 12.91
C LYS A 182 12.89 20.62 14.09
N PRO A 183 13.64 20.94 15.17
CA PRO A 183 13.63 20.02 16.32
C PRO A 183 12.25 19.85 16.91
N MSE A 184 11.90 18.61 17.27
CA MSE A 184 10.57 18.33 17.83
C MSE A 184 10.31 19.10 19.12
O MSE A 184 9.16 19.31 19.48
CB MSE A 184 10.36 16.83 18.04
CG MSE A 184 11.22 16.24 19.15
SE MSE A 184 10.86 14.31 19.31
CE MSE A 184 11.39 14.09 21.20
N SER A 185 11.39 19.55 19.78
CA SER A 185 11.28 20.35 21.00
C SER A 185 10.49 21.64 20.79
N GLU A 186 10.40 22.11 19.54
CA GLU A 186 9.60 23.30 19.21
C GLU A 186 8.12 23.12 19.48
N PHE A 187 7.63 21.87 19.44
CA PHE A 187 6.22 21.63 19.78
C PHE A 187 5.98 20.72 20.98
N LEU A 188 7.03 20.02 21.45
CA LEU A 188 6.92 19.10 22.60
C LEU A 188 7.60 19.61 23.86
N GLY A 189 8.54 20.53 23.70
CA GLY A 189 9.39 20.98 24.82
C GLY A 189 10.37 19.95 25.36
N GLU A 190 10.52 18.84 24.65
CA GLU A 190 11.54 17.84 24.96
C GLU A 190 12.21 17.44 23.66
N SER A 191 13.50 17.07 23.75
CA SER A 191 14.32 16.83 22.57
C SER A 191 14.69 15.37 22.39
N LYS A 192 14.68 14.63 23.49
CA LYS A 192 15.07 13.21 23.49
C LYS A 192 13.84 12.35 23.40
N ILE A 193 13.83 11.42 22.45
CA ILE A 193 12.72 10.47 22.30
C ILE A 193 12.72 9.47 23.46
N ASN A 194 11.59 9.42 24.15
CA ASN A 194 11.26 8.38 25.10
C ASN A 194 10.04 7.65 24.53
N VAL A 195 10.23 6.39 24.13
CA VAL A 195 9.15 5.66 23.43
C VAL A 195 7.97 5.31 24.34
N ASP A 196 8.25 5.12 25.62
CA ASP A 196 7.22 4.77 26.61
C ASP A 196 6.33 5.96 26.85
N THR A 197 5.03 5.69 26.99
CA THR A 197 4.07 6.75 27.21
C THR A 197 4.49 7.53 28.46
N HIS A 198 4.55 8.85 28.31
CA HIS A 198 5.01 9.73 29.38
C HIS A 198 4.28 11.06 29.31
N GLN A 199 4.21 11.76 30.44
CA GLN A 199 3.52 13.02 30.46
C GLN A 199 4.44 14.20 30.24
N VAL A 200 3.95 15.16 29.47
CA VAL A 200 4.70 16.38 29.22
C VAL A 200 3.82 17.59 29.53
N ILE A 201 4.43 18.66 30.01
CA ILE A 201 3.70 19.89 30.26
C ILE A 201 4.01 20.84 29.12
N ILE A 202 2.95 21.25 28.40
CA ILE A 202 3.06 22.21 27.30
C ILE A 202 2.12 23.37 27.59
N ASN A 203 2.69 24.57 27.73
CA ASN A 203 1.96 25.78 28.16
C ASN A 203 1.13 25.62 29.44
N GLY A 204 1.74 24.98 30.45
CA GLY A 204 1.10 24.75 31.75
C GLY A 204 0.11 23.59 31.79
N LYS A 205 -0.05 22.91 30.65
CA LYS A 205 -1.05 21.85 30.52
C LYS A 205 -0.40 20.50 30.24
N PRO A 206 -0.81 19.45 30.98
CA PRO A 206 -0.27 18.10 30.74
C PRO A 206 -0.86 17.40 29.52
N TYR A 207 0.00 16.69 28.78
CA TYR A 207 -0.40 15.85 27.65
C TYR A 207 0.35 14.52 27.76
N ALA A 208 -0.28 13.46 27.26
CA ALA A 208 0.38 12.15 27.11
C ALA A 208 1.09 12.06 25.76
N VAL A 209 2.36 11.65 25.78
CA VAL A 209 3.16 11.51 24.58
C VAL A 209 3.69 10.10 24.51
N SER A 210 3.64 9.51 23.31
CA SER A 210 4.18 8.19 23.11
C SER A 210 4.72 8.08 21.70
N PHE A 211 5.62 7.11 21.49
CA PHE A 211 6.28 6.88 20.19
C PHE A 211 6.34 5.41 19.88
N SER A 212 6.36 5.09 18.59
CA SER A 212 6.66 3.73 18.14
C SER A 212 7.59 3.81 16.92
N ASP A 213 8.59 2.93 16.86
CA ASP A 213 9.52 2.94 15.73
C ASP A 213 8.86 2.52 14.41
N VAL A 214 9.37 3.07 13.31
CA VAL A 214 8.94 2.68 11.97
C VAL A 214 10.02 1.73 11.41
N GLU A 215 9.60 0.56 10.97
CA GLU A 215 10.53 -0.40 10.38
C GLU A 215 10.94 0.07 8.97
N GLY A 216 12.25 0.24 8.76
CA GLY A 216 12.77 0.64 7.45
C GLY A 216 13.48 1.99 7.35
N GLU A 217 13.18 2.87 8.29
CA GLU A 217 13.83 4.19 8.41
CA GLU A 217 13.85 4.16 8.40
C GLU A 217 14.14 4.42 9.87
N ASP A 218 15.06 5.35 10.15
CA ASP A 218 15.32 5.73 11.54
CA ASP A 218 15.34 5.78 11.52
C ASP A 218 14.28 6.77 12.00
N TRP A 219 13.00 6.41 11.80
CA TRP A 219 11.84 7.25 12.11
C TRP A 219 10.98 6.66 13.23
N TYR A 220 10.27 7.56 13.90
CA TYR A 220 9.31 7.19 14.93
C TYR A 220 8.02 7.92 14.63
N VAL A 221 6.91 7.22 14.83
CA VAL A 221 5.61 7.84 14.86
C VAL A 221 5.33 8.25 16.32
N GLY A 222 4.96 9.51 16.51
CA GLY A 222 4.60 10.02 17.82
C GLY A 222 3.16 10.45 17.90
N VAL A 223 2.63 10.50 19.12
CA VAL A 223 1.29 11.04 19.34
C VAL A 223 1.33 11.96 20.53
N VAL A 224 0.54 13.05 20.46
CA VAL A 224 0.27 13.91 21.62
CA VAL A 224 0.28 13.84 21.66
C VAL A 224 -1.23 13.84 21.94
N ILE A 225 -1.58 13.52 23.18
CA ILE A 225 -2.99 13.34 23.56
C ILE A 225 -3.33 14.18 24.80
N ASP A 226 -4.41 14.94 24.70
CA ASP A 226 -5.05 15.58 25.84
C ASP A 226 -5.97 14.53 26.49
N GLU A 227 -5.54 14.01 27.65
CA GLU A 227 -6.30 12.97 28.36
C GLU A 227 -7.60 13.50 28.95
N GLU A 228 -7.70 14.82 29.15
CA GLU A 228 -8.96 15.41 29.57
C GLU A 228 -10.07 15.13 28.55
N ILE A 229 -9.72 15.28 27.27
CA ILE A 229 -10.61 14.97 26.17
C ILE A 229 -10.77 13.46 25.96
N ALA A 230 -9.65 12.71 25.96
CA ALA A 230 -9.70 11.27 25.74
C ALA A 230 -10.58 10.54 26.75
N TYR A 231 -10.45 10.89 28.03
CA TYR A 231 -11.18 10.19 29.09
C TYR A 231 -12.68 10.39 28.94
N ALA A 232 -13.08 11.63 28.64
CA ALA A 232 -14.48 11.94 28.39
C ALA A 232 -15.04 11.17 27.19
N ALA A 233 -14.29 11.16 26.08
CA ALA A 233 -14.75 10.47 24.86
C ALA A 233 -14.85 8.97 25.04
N LEU A 234 -13.88 8.38 25.75
CA LEU A 234 -13.89 6.93 25.99
C LEU A 234 -14.96 6.49 27.00
N ASP A 235 -15.28 7.37 27.96
CA ASP A 235 -16.40 7.15 28.88
C ASP A 235 -17.74 7.16 28.14
N GLU A 236 -17.87 8.06 27.17
CA GLU A 236 -19.07 8.12 26.33
CA GLU A 236 -19.06 8.13 26.32
C GLU A 236 -19.23 6.83 25.52
N LEU A 237 -18.11 6.34 24.96
CA LEU A 237 -18.08 5.07 24.22
C LEU A 237 -18.45 3.86 25.10
N ARG A 238 -18.01 3.91 26.36
CA ARG A 238 -18.28 2.88 27.35
CA ARG A 238 -18.29 2.88 27.35
C ARG A 238 -19.78 2.75 27.65
N ARG A 239 -20.51 3.86 27.57
CA ARG A 239 -21.92 3.89 27.92
C ARG A 239 -22.86 3.99 26.71
N SER A 240 -22.31 3.89 25.50
CA SER A 240 -23.09 4.08 24.26
C SER A 240 -24.11 2.96 23.99
N SER B 1 -26.13 0.24 23.94
CA SER B 1 -26.18 -1.09 24.63
C SER B 1 -25.04 -1.96 24.10
N LEU B 2 -24.83 -3.10 24.75
CA LEU B 2 -23.84 -4.08 24.31
C LEU B 2 -24.11 -4.53 22.86
N ARG B 3 -25.36 -4.89 22.54
CA ARG B 3 -25.72 -5.33 21.19
C ARG B 3 -25.50 -4.25 20.13
N SER B 4 -25.91 -3.03 20.44
CA SER B 4 -25.72 -1.89 19.55
C SER B 4 -24.24 -1.57 19.38
N MSE B 5 -23.46 -1.69 20.45
CA MSE B 5 -22.00 -1.53 20.39
C MSE B 5 -21.32 -2.58 19.50
O MSE B 5 -20.49 -2.24 18.67
CB MSE B 5 -21.37 -1.57 21.78
CG MSE B 5 -20.89 -0.22 22.32
SE MSE B 5 -19.22 -0.43 23.34
CE MSE B 5 -17.95 -0.18 21.86
N VAL B 6 -21.68 -3.86 19.71
CA VAL B 6 -21.18 -4.96 18.89
C VAL B 6 -21.56 -4.73 17.42
N SER B 7 -22.83 -4.41 17.18
CA SER B 7 -23.32 -4.20 15.80
C SER B 7 -22.62 -3.05 15.09
N ASP B 8 -22.42 -1.94 15.80
CA ASP B 8 -21.76 -0.76 15.24
C ASP B 8 -20.27 -1.01 15.02
N SER B 9 -19.65 -1.78 15.90
CA SER B 9 -18.23 -2.11 15.75
CA SER B 9 -18.24 -2.14 15.77
C SER B 9 -18.03 -3.03 14.54
N VAL B 10 -18.93 -4.01 14.39
CA VAL B 10 -18.87 -4.91 13.22
C VAL B 10 -19.05 -4.14 11.90
N ASP B 11 -20.01 -3.20 11.86
CA ASP B 11 -20.20 -2.31 10.70
C ASP B 11 -18.92 -1.55 10.36
N GLU B 12 -18.28 -1.00 11.39
CA GLU B 12 -17.07 -0.20 11.25
C GLU B 12 -15.87 -1.03 10.78
N ILE B 13 -15.73 -2.24 11.33
CA ILE B 13 -14.61 -3.12 10.99
C ILE B 13 -14.65 -3.48 9.50
N VAL B 14 -15.81 -3.92 9.03
CA VAL B 14 -15.97 -4.32 7.62
C VAL B 14 -15.89 -3.11 6.65
N ASP B 15 -16.44 -1.96 7.03
CA ASP B 15 -16.29 -0.75 6.23
C ASP B 15 -14.81 -0.39 6.05
N GLY B 16 -14.07 -0.39 7.16
CA GLY B 16 -12.62 -0.14 7.16
C GLY B 16 -11.82 -1.10 6.29
N VAL B 17 -12.11 -2.39 6.43
CA VAL B 17 -11.47 -3.45 5.64
C VAL B 17 -11.75 -3.27 4.13
N SER B 18 -12.93 -2.76 3.76
CA SER B 18 -13.24 -2.56 2.35
C SER B 18 -12.41 -1.45 1.72
N LYS B 19 -12.07 -0.45 2.54
CA LYS B 19 -11.19 0.64 2.10
CA LYS B 19 -11.21 0.63 2.08
C LYS B 19 -9.77 0.13 1.91
N THR B 20 -9.24 -0.60 2.89
CA THR B 20 -7.89 -1.17 2.83
CA THR B 20 -7.87 -1.10 2.76
C THR B 20 -7.77 -2.13 1.62
N THR B 21 -8.75 -3.02 1.48
CA THR B 21 -8.81 -3.95 0.35
C THR B 21 -8.80 -3.25 -1.03
N ALA B 22 -9.58 -2.18 -1.20
CA ALA B 22 -9.58 -1.41 -2.45
C ALA B 22 -8.20 -0.83 -2.74
N GLU B 23 -7.54 -0.31 -1.70
CA GLU B 23 -6.19 0.24 -1.84
C GLU B 23 -5.16 -0.82 -2.26
N VAL B 24 -5.27 -2.03 -1.69
CA VAL B 24 -4.38 -3.15 -2.00
C VAL B 24 -4.54 -3.51 -3.48
N ILE B 25 -5.79 -3.71 -3.90
CA ILE B 25 -6.09 -4.12 -5.27
C ILE B 25 -5.70 -3.03 -6.26
N ASN B 26 -6.02 -1.78 -5.96
CA ASN B 26 -5.63 -0.66 -6.82
C ASN B 26 -4.13 -0.52 -6.99
N GLY B 27 -3.38 -0.82 -5.92
CA GLY B 27 -1.92 -0.76 -5.98
C GLY B 27 -1.40 -1.80 -6.96
N ARG B 28 -1.98 -3.01 -6.92
CA ARG B 28 -1.61 -4.09 -7.83
CA ARG B 28 -1.57 -4.09 -7.83
C ARG B 28 -1.93 -3.70 -9.27
N LYS B 29 -3.12 -3.15 -9.49
CA LYS B 29 -3.51 -2.74 -10.83
CA LYS B 29 -3.55 -2.68 -10.83
C LYS B 29 -2.62 -1.62 -11.37
N SER B 30 -2.18 -0.72 -10.48
CA SER B 30 -1.34 0.40 -10.90
CA SER B 30 -1.35 0.40 -10.93
C SER B 30 0.04 -0.07 -11.35
N ILE B 31 0.59 -1.06 -10.62
CA ILE B 31 1.89 -1.65 -10.98
C ILE B 31 1.74 -2.37 -12.34
N ALA B 32 0.66 -3.14 -12.47
CA ALA B 32 0.43 -3.86 -13.73
C ALA B 32 0.29 -2.91 -14.91
N GLN B 33 -0.47 -1.83 -14.77
CA GLN B 33 -0.64 -0.87 -15.85
C GLN B 33 0.70 -0.19 -16.20
N TYR B 34 1.51 0.09 -15.18
CA TYR B 34 2.83 0.69 -15.43
C TYR B 34 3.70 -0.22 -16.27
N ALA B 35 3.83 -1.47 -15.83
CA ALA B 35 4.63 -2.44 -16.60
C ALA B 35 4.08 -2.60 -18.04
N THR B 36 2.77 -2.72 -18.16
CA THR B 36 2.17 -2.81 -19.49
C THR B 36 2.48 -1.62 -20.39
N SER B 37 2.39 -0.40 -19.84
CA SER B 37 2.66 0.80 -20.62
CA SER B 37 2.65 0.78 -20.64
C SER B 37 4.10 0.79 -21.11
N LEU B 38 5.01 0.29 -20.27
CA LEU B 38 6.44 0.24 -20.67
C LEU B 38 6.66 -0.83 -21.75
N ILE B 39 5.92 -1.94 -21.64
CA ILE B 39 5.97 -2.99 -22.67
C ILE B 39 5.38 -2.48 -23.98
N GLU B 40 4.24 -1.79 -23.93
CA GLU B 40 3.65 -1.21 -25.14
C GLU B 40 4.60 -0.23 -25.83
N ASN B 41 5.38 0.52 -25.04
CA ASN B 41 6.33 1.48 -25.59
C ASN B 41 7.43 0.78 -26.42
N ASN B 42 7.84 -0.41 -25.97
CA ASN B 42 8.86 -1.20 -26.67
C ASN B 42 8.68 -2.67 -26.34
N PRO B 43 7.87 -3.40 -27.13
CA PRO B 43 7.65 -4.80 -26.82
C PRO B 43 8.69 -5.79 -27.33
N GLU B 44 9.90 -5.30 -27.63
CA GLU B 44 11.03 -6.20 -27.94
C GLU B 44 11.24 -7.17 -26.79
N PRO B 45 11.41 -8.46 -27.10
CA PRO B 45 11.57 -9.52 -26.12
C PRO B 45 12.53 -9.23 -24.96
N ASP B 46 13.73 -8.73 -25.26
CA ASP B 46 14.70 -8.37 -24.23
C ASP B 46 14.13 -7.32 -23.25
N ASN B 47 13.46 -6.31 -23.79
CA ASN B 47 12.86 -5.27 -22.96
C ASN B 47 11.75 -5.86 -22.08
N VAL B 48 10.88 -6.69 -22.68
CA VAL B 48 9.81 -7.35 -21.91
C VAL B 48 10.38 -8.10 -20.71
N ARG B 49 11.42 -8.90 -20.95
CA ARG B 49 12.05 -9.67 -19.88
CA ARG B 49 12.07 -9.67 -19.89
C ARG B 49 12.60 -8.78 -18.76
N THR B 50 13.26 -7.69 -19.14
CA THR B 50 13.79 -6.71 -18.15
C THR B 50 12.65 -6.20 -17.28
N ILE B 51 11.57 -5.82 -17.92
CA ILE B 51 10.44 -5.19 -17.23
C ILE B 51 9.78 -6.15 -16.24
N ILE B 52 9.59 -7.41 -16.63
CA ILE B 52 8.83 -8.30 -15.78
C ILE B 52 9.65 -9.10 -14.78
N SER B 53 10.98 -9.04 -14.87
CA SER B 53 11.79 -9.87 -13.99
CA SER B 53 11.85 -9.86 -14.03
C SER B 53 12.41 -9.12 -12.81
N GLN B 54 12.06 -7.85 -12.64
CA GLN B 54 12.55 -7.11 -11.49
C GLN B 54 11.90 -7.54 -10.16
N PRO B 55 12.63 -7.38 -9.03
CA PRO B 55 12.07 -7.62 -7.72
C PRO B 55 10.66 -7.11 -7.46
N LEU B 56 10.33 -5.86 -7.82
CA LEU B 56 8.98 -5.35 -7.54
C LEU B 56 7.93 -6.28 -8.16
N ILE B 57 8.17 -6.70 -9.38
CA ILE B 57 7.19 -7.53 -10.07
C ILE B 57 7.15 -8.95 -9.48
N LYS B 58 8.34 -9.51 -9.24
CA LYS B 58 8.46 -10.84 -8.63
C LYS B 58 7.86 -10.95 -7.25
N ASN B 59 7.91 -9.85 -6.49
CA ASN B 59 7.39 -9.82 -5.14
C ASN B 59 5.90 -9.54 -5.12
N THR B 60 5.41 -8.77 -6.09
CA THR B 60 4.01 -8.32 -6.10
C THR B 60 3.07 -9.39 -6.65
N PHE B 61 3.55 -10.16 -7.62
CA PHE B 61 2.71 -11.17 -8.29
C PHE B 61 3.34 -12.56 -8.23
N LEU B 62 2.53 -13.61 -8.32
CA LEU B 62 3.10 -14.96 -8.34
C LEU B 62 3.88 -15.26 -9.61
N LEU B 63 3.41 -14.70 -10.72
CA LEU B 63 3.92 -15.02 -12.03
C LEU B 63 3.41 -13.92 -12.97
N VAL B 64 4.22 -13.56 -13.95
CA VAL B 64 3.83 -12.62 -14.99
C VAL B 64 4.23 -13.19 -16.33
N GLY B 65 3.36 -13.07 -17.32
CA GLY B 65 3.68 -13.57 -18.65
C GLY B 65 2.97 -12.81 -19.74
N PHE B 66 3.63 -12.68 -20.87
CA PHE B 66 3.10 -11.98 -22.03
C PHE B 66 2.93 -12.99 -23.15
N GLY B 67 1.69 -13.25 -23.54
CA GLY B 67 1.41 -14.20 -24.62
C GLY B 67 1.12 -13.49 -25.93
N LEU B 68 1.66 -14.00 -27.03
CA LEU B 68 1.54 -13.33 -28.33
C LEU B 68 0.46 -13.93 -29.21
N GLU B 69 -0.34 -13.07 -29.83
CA GLU B 69 -1.37 -13.48 -30.75
C GLU B 69 -0.79 -14.18 -31.97
N LYS B 70 0.34 -13.70 -32.46
CA LYS B 70 0.86 -14.18 -33.74
CA LYS B 70 0.78 -14.20 -33.77
C LYS B 70 1.12 -15.70 -33.73
N ASP B 71 1.60 -16.21 -32.60
CA ASP B 71 2.07 -17.60 -32.56
C ASP B 71 1.84 -18.37 -31.28
N GLY B 72 1.18 -17.76 -30.30
CA GLY B 72 0.96 -18.43 -29.04
C GLY B 72 2.24 -18.64 -28.24
N SER B 73 3.31 -17.90 -28.57
CA SER B 73 4.52 -17.93 -27.75
C SER B 73 4.30 -17.07 -26.50
N ASN B 74 5.20 -17.15 -25.54
CA ASN B 74 5.10 -16.30 -24.37
C ASN B 74 6.46 -16.01 -23.79
N ILE B 75 6.54 -14.91 -23.07
CA ILE B 75 7.70 -14.59 -22.27
C ILE B 75 7.18 -14.44 -20.86
N ASN B 76 7.79 -15.13 -19.91
CA ASN B 76 7.35 -15.06 -18.56
C ASN B 76 8.54 -14.90 -17.58
N ASN B 77 8.26 -14.68 -16.30
CA ASN B 77 9.36 -14.43 -15.35
C ASN B 77 9.67 -15.59 -14.39
N ASP B 78 9.29 -16.82 -14.76
CA ASP B 78 9.60 -18.00 -13.93
C ASP B 78 10.03 -19.18 -14.80
N PRO B 79 11.34 -19.39 -14.93
CA PRO B 79 11.89 -20.47 -15.78
C PRO B 79 11.40 -21.87 -15.39
N SER B 80 10.99 -22.05 -14.14
CA SER B 80 10.52 -23.37 -13.68
C SER B 80 9.04 -23.61 -13.99
N TRP B 81 8.25 -22.56 -14.27
CA TRP B 81 6.78 -22.68 -14.42
C TRP B 81 6.45 -23.52 -15.66
N ASN B 82 5.75 -24.64 -15.46
CA ASN B 82 5.48 -25.57 -16.55
C ASN B 82 4.01 -25.98 -16.62
N PRO B 83 3.27 -25.33 -17.54
CA PRO B 83 1.86 -25.63 -17.73
C PRO B 83 1.59 -26.81 -18.65
N GLY B 84 2.65 -27.47 -19.12
CA GLY B 84 2.51 -28.59 -20.07
C GLY B 84 2.81 -28.14 -21.49
N PRO B 85 3.16 -29.10 -22.36
CA PRO B 85 3.72 -28.77 -23.66
C PRO B 85 2.71 -28.22 -24.67
N THR B 86 1.43 -28.47 -24.46
CA THR B 86 0.40 -28.01 -25.42
C THR B 86 -0.24 -26.69 -24.99
N TRP B 87 0.27 -26.07 -23.92
CA TRP B 87 -0.33 -24.85 -23.40
C TRP B 87 -0.28 -23.73 -24.41
N ASP B 88 -1.43 -23.08 -24.63
CA ASP B 88 -1.53 -21.97 -25.58
C ASP B 88 -2.10 -20.79 -24.78
N PRO B 89 -1.33 -19.70 -24.63
CA PRO B 89 -1.84 -18.60 -23.82
C PRO B 89 -3.11 -18.02 -24.39
N ARG B 90 -3.31 -18.14 -25.70
CA ARG B 90 -4.40 -17.46 -26.38
C ARG B 90 -5.77 -17.97 -26.01
N VAL B 91 -5.85 -19.15 -25.37
CA VAL B 91 -7.13 -19.71 -25.00
C VAL B 91 -7.36 -19.63 -23.48
N ARG B 92 -6.48 -18.92 -22.78
CA ARG B 92 -6.58 -18.78 -21.32
C ARG B 92 -7.48 -17.60 -20.90
N PRO B 93 -8.12 -17.72 -19.73
CA PRO B 93 -9.07 -16.66 -19.31
C PRO B 93 -8.45 -15.28 -19.21
N TRP B 94 -7.24 -15.16 -18.66
CA TRP B 94 -6.61 -13.83 -18.58
C TRP B 94 -6.43 -13.23 -19.98
N TYR B 95 -6.07 -14.05 -20.96
CA TYR B 95 -5.74 -13.53 -22.27
C TYR B 95 -6.99 -13.02 -22.96
N LYS B 96 -8.03 -13.86 -22.96
CA LYS B 96 -9.29 -13.50 -23.61
C LYS B 96 -10.04 -12.41 -22.85
N ASP B 97 -9.98 -12.42 -21.52
CA ASP B 97 -10.66 -11.33 -20.79
C ASP B 97 -10.04 -9.97 -21.14
N ALA B 98 -8.72 -9.91 -21.24
CA ALA B 98 -8.03 -8.66 -21.62
C ALA B 98 -8.31 -8.27 -23.07
N LYS B 99 -8.26 -9.22 -23.99
CA LYS B 99 -8.56 -8.96 -25.39
C LYS B 99 -9.99 -8.44 -25.56
N ASN B 100 -10.94 -9.10 -24.91
CA ASN B 100 -12.36 -8.77 -25.10
C ASN B 100 -12.66 -7.39 -24.50
N ALA B 101 -12.09 -7.11 -23.32
CA ALA B 101 -12.34 -5.82 -22.65
C ALA B 101 -11.59 -4.68 -23.34
N GLY B 102 -10.42 -5.01 -23.90
CA GLY B 102 -9.56 -3.98 -24.51
C GLY B 102 -8.87 -3.09 -23.51
N LYS B 103 -8.93 -3.45 -22.23
CA LYS B 103 -8.32 -2.67 -21.18
CA LYS B 103 -8.32 -2.68 -21.16
C LYS B 103 -8.08 -3.57 -19.97
N LEU B 104 -7.43 -3.04 -18.95
CA LEU B 104 -7.07 -3.77 -17.75
C LEU B 104 -8.32 -4.33 -17.09
N VAL B 105 -8.25 -5.61 -16.72
CA VAL B 105 -9.33 -6.28 -16.02
CA VAL B 105 -9.32 -6.33 -16.05
C VAL B 105 -8.72 -7.23 -15.00
N ILE B 106 -9.51 -7.60 -14.00
CA ILE B 106 -9.16 -8.70 -13.13
C ILE B 106 -10.11 -9.84 -13.44
N THR B 107 -9.53 -11.03 -13.62
CA THR B 107 -10.34 -12.21 -13.97
C THR B 107 -11.19 -12.61 -12.77
N ALA B 108 -12.20 -13.44 -13.05
CA ALA B 108 -12.79 -14.24 -11.99
C ALA B 108 -11.75 -15.28 -11.51
N PRO B 109 -11.96 -15.91 -10.35
CA PRO B 109 -11.03 -16.96 -9.95
C PRO B 109 -11.01 -18.12 -10.93
N TYR B 110 -9.82 -18.66 -11.18
CA TYR B 110 -9.69 -19.80 -12.08
C TYR B 110 -8.49 -20.61 -11.64
N ALA B 111 -8.38 -21.82 -12.19
CA ALA B 111 -7.29 -22.71 -11.87
C ALA B 111 -6.02 -22.47 -12.70
N ASP B 112 -4.91 -22.21 -12.03
CA ASP B 112 -3.62 -22.09 -12.72
C ASP B 112 -3.29 -23.34 -13.57
N SER B 113 -2.79 -23.13 -14.77
CA SER B 113 -2.43 -24.25 -15.68
C SER B 113 -1.38 -25.21 -15.14
N ALA B 114 -0.42 -24.69 -14.39
CA ALA B 114 0.65 -25.55 -13.89
C ALA B 114 0.32 -26.18 -12.55
N SER B 115 -0.15 -25.39 -11.58
CA SER B 115 -0.34 -25.87 -10.19
C SER B 115 -1.75 -26.36 -9.87
N GLY B 116 -2.73 -25.88 -10.62
CA GLY B 116 -4.14 -26.15 -10.32
C GLY B 116 -4.68 -25.25 -9.23
N GLU B 117 -3.81 -24.42 -8.64
CA GLU B 117 -4.19 -23.48 -7.58
C GLU B 117 -5.17 -22.44 -8.14
N ILE B 118 -6.21 -22.14 -7.35
CA ILE B 118 -7.16 -21.09 -7.70
C ILE B 118 -6.51 -19.71 -7.46
N LEU B 119 -6.54 -18.86 -8.48
CA LEU B 119 -5.99 -17.52 -8.38
C LEU B 119 -6.86 -16.58 -9.19
N VAL B 120 -6.56 -15.28 -9.13
CA VAL B 120 -7.05 -14.36 -10.14
C VAL B 120 -5.84 -13.70 -10.80
N SER B 121 -6.04 -13.11 -11.96
CA SER B 121 -4.98 -12.41 -12.65
C SER B 121 -5.43 -10.99 -12.98
N VAL B 122 -4.54 -10.01 -12.77
CA VAL B 122 -4.74 -8.73 -13.45
C VAL B 122 -4.30 -8.98 -14.89
N ALA B 123 -5.11 -8.58 -15.85
CA ALA B 123 -4.81 -8.88 -17.22
C ALA B 123 -4.95 -7.64 -18.08
N THR B 124 -4.00 -7.46 -19.00
CA THR B 124 -3.98 -6.27 -19.85
CA THR B 124 -4.03 -6.30 -19.84
C THR B 124 -3.67 -6.64 -21.30
N PRO B 125 -4.36 -6.02 -22.24
CA PRO B 125 -3.97 -6.20 -23.63
C PRO B 125 -2.76 -5.35 -24.01
N VAL B 126 -2.05 -5.76 -25.06
CA VAL B 126 -0.91 -4.99 -25.56
C VAL B 126 -1.20 -4.66 -27.02
N LYS B 127 -1.15 -3.36 -27.36
CA LYS B 127 -1.48 -2.80 -28.67
C LYS B 127 -0.20 -2.29 -29.33
N ASP B 128 -0.12 -2.35 -30.66
CA ASP B 128 0.94 -1.65 -31.41
C ASP B 128 0.76 -0.13 -31.23
N SER B 129 1.83 0.57 -30.84
CA SER B 129 1.79 2.00 -30.53
CA SER B 129 1.74 1.99 -30.52
C SER B 129 1.37 2.85 -31.73
N ALA B 130 1.76 2.41 -32.93
CA ALA B 130 1.44 3.18 -34.12
C ALA B 130 0.05 2.86 -34.69
N THR B 131 -0.25 1.57 -34.84
CA THR B 131 -1.43 1.15 -35.57
C THR B 131 -2.63 0.77 -34.70
N GLY B 132 -2.35 0.49 -33.43
CA GLY B 132 -3.39 0.07 -32.51
C GLY B 132 -3.78 -1.40 -32.64
N GLN B 133 -3.06 -2.14 -33.49
CA GLN B 133 -3.30 -3.59 -33.69
C GLN B 133 -3.03 -4.35 -32.37
N PHE B 134 -3.96 -5.23 -31.99
CA PHE B 134 -3.79 -6.09 -30.82
C PHE B 134 -2.62 -7.06 -31.05
N LEU B 135 -1.67 -7.07 -30.11
CA LEU B 135 -0.49 -7.96 -30.20
C LEU B 135 -0.55 -9.17 -29.30
N GLY B 136 -1.33 -9.11 -28.22
CA GLY B 136 -1.36 -10.18 -27.23
C GLY B 136 -1.77 -9.60 -25.89
N SER B 137 -1.67 -10.42 -24.86
CA SER B 137 -2.10 -10.00 -23.52
C SER B 137 -1.07 -10.37 -22.50
N ILE B 138 -1.07 -9.64 -21.39
CA ILE B 138 -0.17 -9.92 -20.27
C ILE B 138 -1.00 -10.28 -19.05
N PHE B 139 -0.59 -11.29 -18.30
CA PHE B 139 -1.19 -11.57 -17.01
C PHE B 139 -0.23 -11.30 -15.87
N TYR B 140 -0.80 -10.91 -14.72
CA TYR B 140 -0.07 -10.65 -13.49
C TYR B 140 -0.86 -11.40 -12.42
N ASP B 141 -0.36 -12.56 -12.01
CA ASP B 141 -1.12 -13.46 -11.15
C ASP B 141 -1.10 -13.00 -9.72
N VAL B 142 -2.27 -13.04 -9.08
CA VAL B 142 -2.43 -12.57 -7.71
C VAL B 142 -2.68 -13.77 -6.80
N SER B 143 -1.83 -13.95 -5.77
CA SER B 143 -2.05 -15.00 -4.79
CA SER B 143 -2.06 -15.02 -4.80
C SER B 143 -3.23 -14.68 -3.90
N LEU B 144 -4.22 -15.58 -3.91
CA LEU B 144 -5.40 -15.38 -3.08
C LEU B 144 -5.07 -15.67 -1.62
N ALA B 145 -4.12 -16.56 -1.37
CA ALA B 145 -3.63 -16.84 0.00
C ALA B 145 -2.99 -15.60 0.61
N GLU B 146 -2.11 -14.95 -0.16
CA GLU B 146 -1.46 -13.72 0.30
C GLU B 146 -2.47 -12.59 0.46
N LEU B 147 -3.45 -12.56 -0.44
CA LEU B 147 -4.49 -11.55 -0.35
C LEU B 147 -5.32 -11.74 0.94
N ALA B 148 -5.74 -12.97 1.22
CA ALA B 148 -6.50 -13.28 2.45
C ALA B 148 -5.69 -12.94 3.69
N GLU B 149 -4.41 -13.31 3.68
CA GLU B 149 -3.52 -13.04 4.84
C GLU B 149 -3.40 -11.53 5.10
N LEU B 150 -3.19 -10.76 4.05
CA LEU B 150 -3.10 -9.32 4.11
C LEU B 150 -4.33 -8.67 4.73
N VAL B 151 -5.52 -9.00 4.20
CA VAL B 151 -6.78 -8.39 4.61
C VAL B 151 -7.16 -8.75 6.04
N ASN B 152 -6.57 -9.83 6.54
CA ASN B 152 -6.83 -10.31 7.90
C ASN B 152 -5.84 -9.78 8.95
N GLU B 153 -5.08 -8.74 8.58
CA GLU B 153 -4.14 -8.08 9.53
C GLU B 153 -4.85 -7.10 10.48
N VAL B 154 -6.16 -6.94 10.31
CA VAL B 154 -6.98 -6.06 11.14
C VAL B 154 -7.29 -6.75 12.48
N LYS B 155 -7.57 -5.94 13.51
CA LYS B 155 -7.96 -6.46 14.84
C LYS B 155 -9.44 -6.86 14.86
N LEU B 156 -9.70 -8.14 15.16
CA LEU B 156 -11.05 -8.71 15.14
C LEU B 156 -11.39 -9.45 16.44
N PHE B 157 -11.12 -8.80 17.57
CA PHE B 157 -11.38 -9.33 18.93
C PHE B 157 -10.78 -10.72 19.19
N ASP B 158 -9.69 -11.03 18.48
CA ASP B 158 -8.96 -12.31 18.53
C ASP B 158 -9.74 -13.58 18.17
N ALA B 159 -10.95 -13.42 17.66
CA ALA B 159 -11.76 -14.53 17.13
C ALA B 159 -12.71 -14.10 16.01
N GLY B 160 -12.22 -14.20 14.80
CA GLY B 160 -12.98 -13.81 13.63
C GLY B 160 -12.06 -13.59 12.45
N TYR B 161 -12.66 -13.45 11.27
CA TYR B 161 -11.85 -13.28 10.08
C TYR B 161 -12.57 -12.47 9.01
N VAL B 162 -11.78 -12.05 8.01
CA VAL B 162 -12.21 -11.28 6.86
C VAL B 162 -12.11 -12.20 5.63
N PHE B 163 -13.11 -12.14 4.75
CA PHE B 163 -13.06 -12.82 3.46
C PHE B 163 -13.53 -11.87 2.35
N ILE B 164 -13.28 -12.26 1.10
CA ILE B 164 -13.68 -11.44 -0.04
C ILE B 164 -14.52 -12.30 -0.97
N VAL B 165 -15.60 -11.75 -1.51
CA VAL B 165 -16.48 -12.47 -2.44
C VAL B 165 -16.89 -11.63 -3.65
N SER B 166 -17.28 -12.30 -4.75
CA SER B 166 -17.90 -11.63 -5.88
CA SER B 166 -17.93 -11.69 -5.91
C SER B 166 -19.35 -11.26 -5.51
N GLU B 167 -19.97 -10.40 -6.33
CA GLU B 167 -21.39 -10.02 -6.19
CA GLU B 167 -21.35 -10.02 -6.08
C GLU B 167 -22.30 -11.23 -6.05
N ASP B 168 -21.92 -12.34 -6.70
CA ASP B 168 -22.77 -13.54 -6.70
CA ASP B 168 -22.72 -13.56 -6.75
C ASP B 168 -22.38 -14.57 -5.65
N GLY B 169 -21.53 -14.16 -4.72
CA GLY B 169 -21.12 -15.00 -3.61
C GLY B 169 -19.96 -15.94 -3.86
N THR B 170 -19.34 -15.85 -5.03
CA THR B 170 -18.16 -16.68 -5.27
C THR B 170 -17.02 -16.18 -4.39
N THR B 171 -16.39 -17.07 -3.65
CA THR B 171 -15.26 -16.70 -2.80
C THR B 171 -14.04 -16.29 -3.62
N ILE B 172 -13.62 -15.05 -3.44
CA ILE B 172 -12.37 -14.57 -4.02
C ILE B 172 -11.17 -14.96 -3.11
N ALA B 173 -11.30 -14.71 -1.80
CA ALA B 173 -10.20 -15.00 -0.87
C ALA B 173 -10.75 -15.33 0.52
N HIS B 174 -10.32 -16.46 1.06
CA HIS B 174 -10.72 -16.87 2.41
C HIS B 174 -9.43 -17.32 3.12
N PRO B 175 -9.33 -17.09 4.45
CA PRO B 175 -8.16 -17.65 5.17
C PRO B 175 -7.92 -19.15 4.94
N LYS B 176 -8.98 -19.94 4.75
CA LYS B 176 -8.87 -21.33 4.39
C LYS B 176 -8.93 -21.39 2.87
N LYS B 177 -7.78 -21.68 2.27
CA LYS B 177 -7.59 -21.72 0.81
C LYS B 177 -8.58 -22.64 0.07
N GLU B 178 -9.02 -23.70 0.73
CA GLU B 178 -9.95 -24.66 0.15
C GLU B 178 -11.24 -24.02 -0.37
N PHE B 179 -11.58 -22.86 0.20
CA PHE B 179 -12.81 -22.16 -0.21
C PHE B 179 -12.66 -21.22 -1.40
N ASN B 180 -11.42 -20.91 -1.82
CA ASN B 180 -11.24 -19.96 -2.90
C ASN B 180 -11.85 -20.48 -4.19
N GLY B 181 -12.65 -19.63 -4.84
CA GLY B 181 -13.35 -20.03 -6.03
C GLY B 181 -14.65 -20.82 -5.81
N LYS B 182 -14.96 -21.13 -4.55
CA LYS B 182 -16.16 -21.90 -4.19
C LYS B 182 -17.25 -20.94 -3.72
N PRO B 183 -18.51 -21.37 -3.80
CA PRO B 183 -19.56 -20.50 -3.26
C PRO B 183 -19.40 -20.29 -1.75
N MSE B 184 -19.63 -19.06 -1.32
CA MSE B 184 -19.50 -18.72 0.10
C MSE B 184 -20.44 -19.53 1.02
O MSE B 184 -20.19 -19.58 2.22
CB MSE B 184 -19.72 -17.22 0.34
CG MSE B 184 -21.18 -16.80 0.13
SE MSE B 184 -21.31 -14.88 0.40
CE MSE B 184 -23.22 -14.81 0.81
N SER B 185 -21.49 -20.13 0.47
CA SER B 185 -22.36 -21.00 1.29
C SER B 185 -21.61 -22.16 1.93
N GLU B 186 -20.48 -22.56 1.33
CA GLU B 186 -19.67 -23.67 1.90
C GLU B 186 -19.16 -23.35 3.30
N PHE B 187 -18.92 -22.07 3.59
CA PHE B 187 -18.49 -21.69 4.93
C PHE B 187 -19.49 -20.86 5.73
N LEU B 188 -20.45 -20.22 5.06
CA LEU B 188 -21.42 -19.34 5.72
CA LEU B 188 -21.40 -19.34 5.70
C LEU B 188 -22.80 -19.98 5.89
N GLY B 189 -23.14 -20.90 5.02
CA GLY B 189 -24.51 -21.44 5.00
C GLY B 189 -25.58 -20.42 4.56
N GLU B 190 -25.13 -19.37 3.90
CA GLU B 190 -25.97 -18.39 3.21
C GLU B 190 -25.36 -18.30 1.81
N SER B 191 -26.20 -18.18 0.78
CA SER B 191 -25.66 -18.12 -0.57
C SER B 191 -25.76 -16.74 -1.22
N LYS B 192 -26.67 -15.92 -0.71
CA LYS B 192 -26.88 -14.56 -1.20
CA LYS B 192 -26.85 -14.57 -1.22
C LYS B 192 -26.34 -13.55 -0.20
N ILE B 193 -25.69 -12.51 -0.71
CA ILE B 193 -25.16 -11.47 0.14
C ILE B 193 -26.27 -10.63 0.73
N ASN B 194 -26.27 -10.59 2.07
CA ASN B 194 -27.09 -9.64 2.83
C ASN B 194 -26.10 -8.68 3.48
N VAL B 195 -26.03 -7.46 2.94
CA VAL B 195 -24.99 -6.49 3.29
CA VAL B 195 -24.95 -6.54 3.33
C VAL B 195 -25.01 -6.13 4.79
N ASP B 196 -26.21 -5.86 5.29
CA ASP B 196 -26.39 -5.41 6.67
C ASP B 196 -25.99 -6.49 7.69
N THR B 197 -25.40 -6.06 8.80
CA THR B 197 -24.99 -6.99 9.86
C THR B 197 -26.16 -7.85 10.28
N HIS B 198 -25.87 -9.15 10.44
CA HIS B 198 -26.89 -10.13 10.80
C HIS B 198 -26.27 -11.37 11.43
N GLN B 199 -27.11 -12.15 12.11
CA GLN B 199 -26.66 -13.35 12.79
C GLN B 199 -26.64 -14.52 11.83
N VAL B 200 -25.53 -15.25 11.88
CA VAL B 200 -25.38 -16.52 11.20
C VAL B 200 -24.92 -17.56 12.22
N ILE B 201 -25.61 -18.69 12.24
CA ILE B 201 -25.23 -19.79 13.12
C ILE B 201 -24.34 -20.76 12.35
N ILE B 202 -23.15 -21.02 12.88
CA ILE B 202 -22.26 -22.05 12.35
C ILE B 202 -21.95 -23.02 13.49
N ASN B 203 -22.32 -24.30 13.28
CA ASN B 203 -22.12 -25.38 14.26
C ASN B 203 -22.63 -25.07 15.67
N GLY B 204 -23.87 -24.62 15.72
CA GLY B 204 -24.54 -24.29 16.98
C GLY B 204 -24.13 -22.99 17.63
N LYS B 205 -23.17 -22.28 17.03
CA LYS B 205 -22.64 -21.05 17.62
C LYS B 205 -22.98 -19.82 16.78
N PRO B 206 -23.39 -18.71 17.43
CA PRO B 206 -23.71 -17.49 16.72
C PRO B 206 -22.51 -16.64 16.31
N TYR B 207 -22.59 -16.10 15.11
CA TYR B 207 -21.58 -15.21 14.59
C TYR B 207 -22.28 -13.99 13.99
N ALA B 208 -21.65 -12.83 14.14
CA ALA B 208 -22.09 -11.65 13.41
C ALA B 208 -21.38 -11.65 12.05
N VAL B 209 -22.16 -11.48 10.99
CA VAL B 209 -21.67 -11.41 9.61
C VAL B 209 -22.15 -10.12 8.96
N SER B 210 -21.23 -9.43 8.26
CA SER B 210 -21.55 -8.17 7.61
C SER B 210 -20.68 -8.04 6.37
N PHE B 211 -21.17 -7.29 5.39
CA PHE B 211 -20.42 -7.09 4.15
C PHE B 211 -20.26 -5.61 3.84
N SER B 212 -19.27 -5.30 3.01
CA SER B 212 -19.13 -3.95 2.47
C SER B 212 -18.55 -4.02 1.06
N ASP B 213 -19.03 -3.14 0.18
CA ASP B 213 -18.56 -3.10 -1.20
C ASP B 213 -17.08 -2.71 -1.31
N VAL B 214 -16.41 -3.25 -2.32
CA VAL B 214 -15.03 -2.87 -2.62
C VAL B 214 -15.05 -1.99 -3.86
N GLU B 215 -14.49 -0.79 -3.76
CA GLU B 215 -14.49 0.13 -4.91
CA GLU B 215 -14.48 0.12 -4.90
C GLU B 215 -13.52 -0.35 -5.98
N GLY B 216 -14.00 -0.40 -7.23
CA GLY B 216 -13.16 -0.81 -8.39
C GLY B 216 -13.34 -2.22 -8.93
N GLU B 217 -14.08 -3.05 -8.19
CA GLU B 217 -14.47 -4.38 -8.62
C GLU B 217 -15.91 -4.60 -8.16
N ASP B 218 -16.62 -5.63 -8.64
N ASP B 218 -16.54 -5.64 -8.71
CA ASP B 218 -17.97 -5.84 -8.09
CA ASP B 218 -17.83 -6.10 -8.24
C ASP B 218 -17.93 -6.57 -6.73
C ASP B 218 -17.55 -7.14 -7.17
N TRP B 219 -16.72 -6.84 -6.23
N TRP B 219 -16.88 -6.69 -6.11
CA TRP B 219 -16.50 -7.60 -5.02
CA TRP B 219 -16.53 -7.52 -5.00
C TRP B 219 -17.12 -6.96 -3.78
C TRP B 219 -16.97 -6.91 -3.69
N TYR B 220 -17.20 -7.76 -2.71
CA TYR B 220 -17.52 -7.31 -1.34
C TYR B 220 -16.53 -7.93 -0.39
N VAL B 221 -16.14 -7.21 0.66
CA VAL B 221 -15.52 -7.90 1.78
C VAL B 221 -16.60 -8.32 2.78
N GLY B 222 -16.36 -9.45 3.44
CA GLY B 222 -17.21 -9.92 4.54
C GLY B 222 -16.39 -10.13 5.80
N VAL B 223 -17.06 -10.02 6.96
CA VAL B 223 -16.46 -10.46 8.23
C VAL B 223 -17.35 -11.51 8.91
N VAL B 224 -16.70 -12.45 9.59
CA VAL B 224 -17.36 -13.50 10.38
C VAL B 224 -16.76 -13.40 11.79
N ILE B 225 -17.55 -12.93 12.74
CA ILE B 225 -17.05 -12.64 14.08
CA ILE B 225 -17.06 -12.62 14.10
C ILE B 225 -17.81 -13.45 15.13
N ASP B 226 -17.07 -14.18 15.98
CA ASP B 226 -17.66 -14.96 17.06
C ASP B 226 -18.47 -14.03 17.98
N GLU B 227 -19.77 -14.24 18.04
CA GLU B 227 -20.66 -13.34 18.78
C GLU B 227 -20.43 -13.41 20.30
N GLU B 228 -20.39 -14.62 20.85
CA GLU B 228 -20.01 -14.83 22.27
C GLU B 228 -18.76 -14.02 22.67
N ILE B 229 -17.68 -14.24 21.92
CA ILE B 229 -16.39 -13.59 22.18
C ILE B 229 -16.45 -12.06 22.06
N ALA B 230 -17.15 -11.56 21.02
CA ALA B 230 -17.29 -10.13 20.81
C ALA B 230 -18.05 -9.46 21.95
N TYR B 231 -19.20 -10.04 22.29
CA TYR B 231 -20.01 -9.58 23.42
C TYR B 231 -19.22 -9.56 24.73
N ALA B 232 -18.49 -10.63 25.01
CA ALA B 232 -17.68 -10.73 26.23
C ALA B 232 -16.56 -9.68 26.27
N ALA B 233 -15.85 -9.53 25.16
CA ALA B 233 -14.77 -8.55 25.01
C ALA B 233 -15.25 -7.12 25.23
N LEU B 234 -16.42 -6.79 24.66
CA LEU B 234 -16.95 -5.43 24.78
C LEU B 234 -17.61 -5.19 26.12
N ASP B 235 -18.15 -6.26 26.73
CA ASP B 235 -18.73 -6.16 28.08
C ASP B 235 -17.65 -5.83 29.11
N GLU B 236 -16.48 -6.45 28.96
CA GLU B 236 -15.31 -6.15 29.78
CA GLU B 236 -15.30 -6.15 29.78
C GLU B 236 -14.86 -4.70 29.58
N LEU B 237 -14.94 -4.23 28.34
CA LEU B 237 -14.61 -2.85 27.98
C LEU B 237 -15.62 -1.82 28.54
N ARG B 238 -16.80 -2.32 28.95
CA ARG B 238 -17.88 -1.47 29.44
CA ARG B 238 -17.90 -1.49 29.44
C ARG B 238 -18.02 -1.47 30.97
N ARG B 239 -18.22 -2.66 31.56
CA ARG B 239 -18.53 -2.80 32.99
C ARG B 239 -17.39 -2.47 33.94
N SER B 240 -16.22 -3.05 33.69
CA SER B 240 -15.04 -2.76 34.49
C SER B 240 -14.24 -1.65 33.82
MG MG C . 13.37 2.09 12.35
N ALA D . 13.82 18.33 -4.75
CA ALA D . 14.93 18.59 -5.73
C ALA D . 15.98 19.53 -5.15
O ALA D . 15.63 20.36 -4.30
CB ALA D . 14.36 19.20 -7.01
OXT ALA D . 17.15 19.50 -5.52
MG MG E . -17.16 -0.37 1.28
N ALA F . -2.06 -18.33 -14.34
CA ALA F . -1.73 -18.35 -15.80
C ALA F . -2.49 -19.49 -16.49
O ALA F . -2.97 -20.37 -15.76
CB ALA F . -0.34 -18.56 -15.99
OXT ALA F . -2.62 -19.52 -17.72
#